data_8EVF
#
_entry.id   8EVF
#
_cell.length_a   98.671
_cell.length_b   98.671
_cell.length_c   81.736
_cell.angle_alpha   90.00
_cell.angle_beta   90.00
_cell.angle_gamma   120.00
#
_symmetry.space_group_name_H-M   'P 61'
#
loop_
_entity.id
_entity.type
_entity.pdbx_description
1 polymer 'DNA polymerase eta'
2 polymer "DNA 5'-D(P*TP*GP*(MO1)P*TP*GP*AP*CP*GP*CP*T-3'"
3 polymer "DNA (5'-D(*AP*GP*CP*GP*TP*CP*AP*G)-3')"
4 non-polymer "2'-DEOXYCYTIDINE-5'-TRIPHOSPHATE"
5 non-polymer 'CALCIUM ION'
6 water water
#
loop_
_entity_poly.entity_id
_entity_poly.type
_entity_poly.pdbx_seq_one_letter_code
_entity_poly.pdbx_strand_id
1 'polypeptide(L)'
;GPHMATGQDRVVALVDMDCFFVQVEQRQNPHLRNKPCAVVQYKSWKGGGIIAVSYEARAFGVTRSMWADDAKKLCPDLLL
AQVRESRGKANLTKYREASVEVMEIMSRFAVIERASIDEAYVDLTSAVQERLQKLQGQPISADLLPSTYIEGLPQGPTTA
EETVQKEGMRKQGLFQWLDSLQIDNLTSPDLQLTVGAVIVEEMRAAIERETGFQCSAGISHNKVLAKLACGLNKPNRQTL
VSHGSVPQLFSQMPIRKIRSLGGKLGASVIEILGIEYMGELTQFTESQLQSHFGEKNGSWLYAMCRGIEHDPVKPRQLPK
TIGCSKNFPGKTALATREQVQWWLLQLAQELEERLTKDRNDNDRVATQLVVSIRVQGDKRLSSLRRCCALTRYDAHKMSH
DAFTVIKNCNTSGIQTEWSPPLTMLFLCATKFSAS
;
A
2 'polydeoxyribonucleotide' (DC)(DA)(DT)(DG)(X6H)(DT)(DG)(DA)(DC)(DG)(DC)(DT) T
3 'polydeoxyribonucleotide' (DA)(DG)(DC)(DG)(DT)(DC)(DA)(DG) P
#
# COMPACT_ATOMS: atom_id res chain seq x y z
N THR A 6 3.72 -27.87 2.20
CA THR A 6 4.42 -27.01 3.15
C THR A 6 4.51 -25.58 2.62
N GLY A 7 3.42 -25.10 2.02
CA GLY A 7 3.35 -23.73 1.54
C GLY A 7 4.43 -23.33 0.55
N GLN A 8 4.69 -24.20 -0.42
CA GLN A 8 5.65 -23.89 -1.48
C GLN A 8 5.02 -24.10 -2.86
N ASP A 9 3.69 -24.18 -2.91
CA ASP A 9 2.99 -24.34 -4.18
C ASP A 9 3.10 -23.07 -5.02
N ARG A 10 2.68 -21.94 -4.46
CA ARG A 10 2.62 -20.71 -5.23
C ARG A 10 3.97 -20.02 -5.31
N VAL A 11 4.09 -19.13 -6.30
CA VAL A 11 5.17 -18.16 -6.40
C VAL A 11 4.53 -16.78 -6.44
N VAL A 12 4.83 -15.94 -5.44
CA VAL A 12 4.14 -14.68 -5.25
C VAL A 12 5.16 -13.57 -5.03
N ALA A 13 4.95 -12.44 -5.70
CA ALA A 13 5.82 -11.28 -5.56
C ALA A 13 5.01 -10.06 -5.13
N LEU A 14 5.65 -9.21 -4.34
CA LEU A 14 5.08 -7.91 -3.95
C LEU A 14 6.01 -6.84 -4.46
N VAL A 15 5.53 -6.01 -5.38
CA VAL A 15 6.30 -4.89 -5.91
C VAL A 15 5.73 -3.62 -5.32
N ASP A 16 6.57 -2.87 -4.61
CA ASP A 16 6.19 -1.60 -3.99
C ASP A 16 7.18 -0.52 -4.41
N MET A 17 6.67 0.64 -4.75
CA MET A 17 7.52 1.70 -5.27
C MET A 17 8.21 2.45 -4.13
N ASP A 18 9.44 2.89 -4.40
CA ASP A 18 10.24 3.61 -3.41
C ASP A 18 9.84 5.07 -3.38
N CYS A 19 9.55 5.58 -2.17
CA CYS A 19 9.14 6.96 -1.91
C CYS A 19 8.34 7.53 -3.07
N PHE A 20 7.13 6.99 -3.27
CA PHE A 20 6.50 7.04 -4.58
C PHE A 20 6.11 8.46 -5.00
N PHE A 21 5.36 9.17 -4.15
CA PHE A 21 4.95 10.52 -4.50
C PHE A 21 6.16 11.40 -4.80
N VAL A 22 7.25 11.19 -4.04
CA VAL A 22 8.48 11.96 -4.27
C VAL A 22 9.10 11.59 -5.60
N GLN A 23 9.08 10.31 -5.98
CA GLN A 23 9.58 9.93 -7.30
C GLN A 23 8.76 10.58 -8.39
N VAL A 24 7.44 10.68 -8.20
CA VAL A 24 6.57 11.35 -9.16
C VAL A 24 6.98 12.82 -9.32
N GLU A 25 7.05 13.54 -8.20
CA GLU A 25 7.39 14.95 -8.25
C GLU A 25 8.78 15.18 -8.83
N GLN A 26 9.74 14.30 -8.51
CA GLN A 26 11.09 14.43 -9.05
C GLN A 26 11.13 14.14 -10.55
N ARG A 27 10.32 13.20 -11.02
CA ARG A 27 10.18 13.03 -12.46
C ARG A 27 9.62 14.28 -13.09
N GLN A 28 8.76 15.01 -12.37
CA GLN A 28 8.25 16.27 -12.93
C GLN A 28 9.26 17.40 -12.78
N ASN A 29 9.95 17.49 -11.64
CA ASN A 29 10.85 18.61 -11.34
C ASN A 29 12.26 18.07 -11.14
N PRO A 30 13.12 18.13 -12.15
CA PRO A 30 14.47 17.55 -12.01
C PRO A 30 15.33 18.21 -10.94
N HIS A 31 15.01 19.44 -10.52
CA HIS A 31 15.76 20.06 -9.44
C HIS A 31 15.63 19.29 -8.13
N LEU A 32 14.58 18.48 -7.98
CA LEU A 32 14.34 17.75 -6.75
C LEU A 32 15.02 16.39 -6.71
N ARG A 33 15.61 15.94 -7.82
CA ARG A 33 16.20 14.61 -7.88
C ARG A 33 17.47 14.54 -7.04
N ASN A 34 17.63 13.42 -6.32
CA ASN A 34 18.82 13.13 -5.54
C ASN A 34 19.09 14.20 -4.48
N LYS A 35 18.04 14.84 -4.00
CA LYS A 35 18.14 15.86 -2.97
C LYS A 35 17.20 15.51 -1.82
N PRO A 36 17.57 15.85 -0.59
CA PRO A 36 16.63 15.66 0.54
C PRO A 36 15.38 16.51 0.33
N CYS A 37 14.25 15.82 0.16
CA CYS A 37 13.01 16.51 -0.17
C CYS A 37 11.81 15.67 0.26
N ALA A 38 10.67 16.33 0.35
CA ALA A 38 9.44 15.72 0.82
C ALA A 38 8.24 16.34 0.11
N VAL A 39 7.15 15.58 0.11
CA VAL A 39 5.88 16.01 -0.45
C VAL A 39 4.97 16.43 0.69
N VAL A 40 4.29 17.57 0.52
CA VAL A 40 3.61 18.24 1.61
C VAL A 40 2.13 18.39 1.28
N GLN A 41 1.32 18.60 2.33
CA GLN A 41 -0.12 18.79 2.21
C GLN A 41 -0.51 20.02 3.05
N TYR A 42 -0.84 21.12 2.38
CA TYR A 42 -1.38 22.36 2.96
C TYR A 42 -0.35 23.18 3.74
N LYS A 43 0.30 24.17 3.11
CA LYS A 43 1.36 24.95 3.80
C LYS A 43 0.89 25.67 5.06
N SER A 44 -0.40 26.00 5.16
CA SER A 44 -0.81 26.99 6.15
C SER A 44 -0.48 26.54 7.56
N TRP A 45 -0.93 25.35 7.94
CA TRP A 45 -0.72 24.84 9.30
C TRP A 45 0.68 24.26 9.40
N LYS A 46 1.59 25.02 10.02
CA LYS A 46 2.95 24.56 10.35
C LYS A 46 3.72 24.11 9.11
N GLY A 47 3.54 24.82 8.00
CA GLY A 47 4.23 24.48 6.76
C GLY A 47 3.66 23.30 6.02
N GLY A 48 2.73 22.58 6.61
CA GLY A 48 2.08 21.45 5.95
C GLY A 48 2.56 20.12 6.51
N GLY A 49 1.63 19.16 6.56
CA GLY A 49 1.97 17.82 6.99
C GLY A 49 2.66 17.05 5.89
N ILE A 50 3.83 16.49 6.19
CA ILE A 50 4.58 15.69 5.24
C ILE A 50 3.93 14.33 5.10
N ILE A 51 3.90 13.81 3.88
CA ILE A 51 3.26 12.53 3.60
C ILE A 51 4.19 11.61 2.83
N ALA A 52 5.30 12.15 2.33
CA ALA A 52 6.25 11.33 1.59
C ALA A 52 7.64 11.92 1.70
N VAL A 53 8.62 11.07 2.04
CA VAL A 53 9.99 11.48 2.33
C VAL A 53 10.93 10.67 1.46
N SER A 54 11.78 11.36 0.69
CA SER A 54 12.86 10.69 -0.02
C SER A 54 13.90 10.17 0.96
N TYR A 55 14.75 9.25 0.47
CA TYR A 55 15.69 8.57 1.35
C TYR A 55 16.81 9.50 1.79
N GLU A 56 17.28 10.37 0.89
CA GLU A 56 18.28 11.37 1.26
C GLU A 56 17.80 12.24 2.41
N ALA A 57 16.49 12.44 2.52
CA ALA A 57 15.90 13.18 3.64
C ALA A 57 15.62 12.28 4.84
N ARG A 58 15.32 11.00 4.61
CA ARG A 58 15.17 10.06 5.73
C ARG A 58 16.48 9.86 6.47
N ALA A 59 17.62 10.08 5.81
CA ALA A 59 18.89 10.06 6.52
C ALA A 59 18.95 11.16 7.58
N PHE A 60 18.31 12.30 7.34
CA PHE A 60 18.28 13.38 8.32
C PHE A 60 17.26 13.13 9.43
N GLY A 61 16.35 12.19 9.24
CA GLY A 61 15.32 11.91 10.22
C GLY A 61 13.94 12.44 9.90
N VAL A 62 13.68 12.86 8.67
CA VAL A 62 12.37 13.37 8.30
C VAL A 62 11.42 12.21 8.07
N THR A 63 10.21 12.30 8.64
CA THR A 63 9.25 11.21 8.62
C THR A 63 7.91 11.70 8.10
N ARG A 64 7.08 10.74 7.68
CA ARG A 64 5.68 11.02 7.41
C ARG A 64 4.98 11.44 8.70
N SER A 65 3.85 12.13 8.55
CA SER A 65 3.09 12.64 9.68
C SER A 65 3.97 13.53 10.55
N MET A 66 4.43 14.62 9.92
CA MET A 66 5.41 15.51 10.52
C MET A 66 5.26 16.86 9.84
N TRP A 67 5.01 17.91 10.61
CA TRP A 67 4.85 19.23 10.02
C TRP A 67 6.15 19.65 9.32
N ALA A 68 6.00 20.24 8.14
CA ALA A 68 7.17 20.59 7.34
C ALA A 68 8.10 21.53 8.08
N ASP A 69 7.56 22.38 8.96
CA ASP A 69 8.39 23.35 9.66
C ASP A 69 9.36 22.66 10.61
N ASP A 70 8.91 21.62 11.31
CA ASP A 70 9.82 20.87 12.19
C ASP A 70 10.84 20.09 11.37
N ALA A 71 10.43 19.54 10.23
CA ALA A 71 11.37 18.84 9.36
C ALA A 71 12.46 19.77 8.87
N LYS A 72 12.11 21.03 8.58
CA LYS A 72 13.14 22.01 8.22
C LYS A 72 14.09 22.25 9.38
N LYS A 73 13.61 22.13 10.63
CA LYS A 73 14.52 22.15 11.76
C LYS A 73 15.46 20.95 11.72
N LEU A 74 14.94 19.78 11.38
CA LEU A 74 15.81 18.62 11.27
C LEU A 74 16.77 18.73 10.08
N CYS A 75 16.25 19.14 8.92
CA CYS A 75 17.05 19.27 7.70
C CYS A 75 16.77 20.63 7.06
N PRO A 76 17.69 21.59 7.21
CA PRO A 76 17.47 22.90 6.56
C PRO A 76 17.42 22.83 5.05
N ASP A 77 18.17 21.92 4.42
CA ASP A 77 18.24 21.80 2.98
C ASP A 77 17.09 21.03 2.37
N LEU A 78 16.00 20.84 3.10
CA LEU A 78 14.88 20.02 2.65
C LEU A 78 14.06 20.78 1.60
N LEU A 79 13.92 20.21 0.42
CA LEU A 79 13.06 20.76 -0.61
C LEU A 79 11.66 20.21 -0.44
N LEU A 80 10.65 21.02 -0.78
CA LEU A 80 9.26 20.65 -0.59
C LEU A 80 8.51 20.73 -1.91
N ALA A 81 7.72 19.70 -2.21
CA ALA A 81 6.83 19.68 -3.36
C ALA A 81 5.40 19.58 -2.85
N GLN A 82 4.49 20.37 -3.45
CA GLN A 82 3.12 20.51 -2.97
C GLN A 82 2.15 19.58 -3.67
N VAL A 83 1.25 18.98 -2.87
CA VAL A 83 0.12 18.27 -3.44
C VAL A 83 -0.84 19.29 -4.06
N ARG A 84 -1.37 18.96 -5.22
CA ARG A 84 -2.32 19.82 -5.90
C ARG A 84 -3.59 19.98 -5.08
N GLU A 85 -4.14 21.19 -5.09
CA GLU A 85 -5.35 21.54 -4.36
C GLU A 85 -6.40 22.00 -5.35
N SER A 86 -7.59 21.39 -5.31
CA SER A 86 -8.54 21.54 -6.42
C SER A 86 -9.92 22.07 -6.03
N ARG A 87 -10.39 21.87 -4.81
CA ARG A 87 -11.66 22.46 -4.38
C ARG A 87 -11.58 22.83 -2.90
N GLY A 88 -10.48 23.50 -2.53
CA GLY A 88 -10.21 23.66 -1.12
C GLY A 88 -9.75 22.40 -0.43
N LYS A 89 -9.33 21.39 -1.19
CA LYS A 89 -8.92 20.12 -0.62
C LYS A 89 -7.86 19.50 -1.51
N ALA A 90 -7.13 18.55 -0.95
CA ALA A 90 -6.04 17.90 -1.67
C ALA A 90 -6.60 17.13 -2.87
N ASN A 91 -5.80 17.06 -3.93
CA ASN A 91 -6.16 16.36 -5.15
C ASN A 91 -4.99 15.46 -5.53
N LEU A 92 -5.26 14.15 -5.57
CA LEU A 92 -4.21 13.15 -5.72
C LEU A 92 -4.21 12.50 -7.09
N THR A 93 -4.79 13.15 -8.10
CA THR A 93 -4.91 12.53 -9.41
C THR A 93 -3.56 12.30 -10.07
N LYS A 94 -2.60 13.21 -9.85
CA LYS A 94 -1.24 13.01 -10.35
C LYS A 94 -0.71 11.62 -9.99
N TYR A 95 -0.79 11.29 -8.71
CA TYR A 95 -0.25 10.03 -8.21
C TYR A 95 -1.11 8.85 -8.63
N ARG A 96 -2.43 9.03 -8.79
CA ARG A 96 -3.26 7.94 -9.29
C ARG A 96 -2.94 7.61 -10.74
N GLU A 97 -2.69 8.63 -11.56
CA GLU A 97 -2.30 8.40 -12.95
C GLU A 97 -0.93 7.73 -13.03
N ALA A 98 0.03 8.18 -12.22
CA ALA A 98 1.33 7.48 -12.17
C ALA A 98 1.16 6.04 -11.71
N SER A 99 0.28 5.82 -10.74
CA SER A 99 0.01 4.47 -10.27
C SER A 99 -0.52 3.59 -11.39
N VAL A 100 -1.46 4.12 -12.17
CA VAL A 100 -2.00 3.36 -13.30
C VAL A 100 -0.90 3.05 -14.31
N GLU A 101 -0.02 4.03 -14.57
CA GLU A 101 1.16 3.80 -15.39
C GLU A 101 1.91 2.55 -14.94
N VAL A 102 2.17 2.45 -13.63
CA VAL A 102 2.93 1.32 -13.13
C VAL A 102 2.12 0.01 -13.20
N MET A 103 0.83 0.08 -12.86
CA MET A 103 0.01 -1.12 -12.80
C MET A 103 -0.17 -1.76 -14.17
N GLU A 104 -0.20 -0.97 -15.23
CA GLU A 104 -0.37 -1.56 -16.56
C GLU A 104 0.87 -2.36 -16.97
N ILE A 105 2.05 -1.77 -16.79
CA ILE A 105 3.30 -2.49 -17.02
C ILE A 105 3.31 -3.79 -16.23
N MET A 106 2.96 -3.70 -14.94
CA MET A 106 2.93 -4.91 -14.12
C MET A 106 1.94 -5.94 -14.66
N SER A 107 0.79 -5.47 -15.15
CA SER A 107 -0.20 -6.36 -15.72
C SER A 107 0.31 -7.08 -16.96
N ARG A 108 1.32 -6.52 -17.64
CA ARG A 108 1.83 -7.15 -18.85
C ARG A 108 2.51 -8.50 -18.61
N PHE A 109 2.89 -8.83 -17.37
CA PHE A 109 3.61 -10.08 -17.11
C PHE A 109 2.73 -11.15 -16.49
N ALA A 110 1.94 -10.83 -15.47
CA ALA A 110 1.17 -11.83 -14.75
C ALA A 110 -0.01 -11.16 -14.08
N VAL A 111 -0.85 -11.96 -13.43
CA VAL A 111 -2.07 -11.46 -12.80
C VAL A 111 -1.70 -10.79 -11.47
N ILE A 112 -2.12 -9.53 -11.33
CA ILE A 112 -1.75 -8.69 -10.21
C ILE A 112 -2.98 -8.34 -9.39
N GLU A 113 -2.75 -8.07 -8.11
CA GLU A 113 -3.75 -7.60 -7.17
C GLU A 113 -3.30 -6.23 -6.70
N ARG A 114 -4.06 -5.21 -7.09
CA ARG A 114 -3.89 -3.83 -6.62
C ARG A 114 -3.99 -3.80 -5.10
N ALA A 115 -2.85 -3.69 -4.42
CA ALA A 115 -2.85 -3.72 -2.97
C ALA A 115 -2.91 -2.32 -2.37
N SER A 116 -2.27 -1.36 -3.00
CA SER A 116 -2.35 0.03 -2.60
C SER A 116 -2.15 0.89 -3.85
N ILE A 117 -1.87 2.17 -3.65
CA ILE A 117 -1.65 3.02 -4.81
C ILE A 117 -0.30 2.73 -5.45
N ASP A 118 0.66 2.21 -4.68
CA ASP A 118 2.01 2.09 -5.19
C ASP A 118 2.58 0.67 -5.03
N GLU A 119 1.73 -0.32 -4.77
CA GLU A 119 2.22 -1.69 -4.71
C GLU A 119 1.16 -2.66 -5.23
N ALA A 120 1.65 -3.76 -5.79
CA ALA A 120 0.78 -4.83 -6.24
C ALA A 120 1.39 -6.18 -5.90
N TYR A 121 0.52 -7.12 -5.58
CA TYR A 121 0.90 -8.52 -5.54
C TYR A 121 0.79 -9.12 -6.93
N VAL A 122 1.65 -10.08 -7.23
CA VAL A 122 1.69 -10.72 -8.53
C VAL A 122 1.80 -12.22 -8.30
N ASP A 123 0.94 -12.98 -8.96
CA ASP A 123 1.00 -14.44 -8.87
C ASP A 123 1.80 -14.95 -10.06
N LEU A 124 3.01 -15.47 -9.79
CA LEU A 124 3.97 -15.78 -10.83
C LEU A 124 4.14 -17.27 -11.10
N THR A 125 3.33 -18.11 -10.45
CA THR A 125 3.37 -19.56 -10.68
C THR A 125 3.50 -19.93 -12.15
N SER A 126 2.50 -19.51 -12.94
CA SER A 126 2.39 -19.96 -14.32
C SER A 126 3.54 -19.45 -15.16
N ALA A 127 3.95 -18.20 -14.93
CA ALA A 127 5.07 -17.64 -15.70
C ALA A 127 6.38 -18.36 -15.38
N VAL A 128 6.58 -18.72 -14.11
CA VAL A 128 7.77 -19.48 -13.74
C VAL A 128 7.79 -20.82 -14.44
N GLN A 129 6.65 -21.52 -14.46
CA GLN A 129 6.59 -22.78 -15.20
C GLN A 129 6.87 -22.56 -16.69
N GLU A 130 6.24 -21.53 -17.26
CA GLU A 130 6.37 -21.27 -18.70
C GLU A 130 7.82 -21.00 -19.09
N ARG A 131 8.57 -20.32 -18.22
CA ARG A 131 9.99 -20.09 -18.50
C ARG A 131 10.84 -21.31 -18.16
N LEU A 132 10.39 -22.15 -17.23
CA LEU A 132 11.16 -23.34 -16.84
C LEU A 132 11.08 -24.45 -17.89
N GLN A 133 9.94 -24.59 -18.58
CA GLN A 133 9.83 -25.61 -19.62
C GLN A 133 10.76 -25.31 -20.79
N LYS A 134 10.69 -24.09 -21.32
CA LYS A 134 11.68 -23.65 -22.30
C LYS A 134 12.95 -23.26 -21.54
N LEU A 135 13.91 -22.64 -22.24
CA LEU A 135 15.22 -22.32 -21.69
C LEU A 135 16.00 -23.59 -21.33
N GLN A 136 15.31 -24.72 -21.21
CA GLN A 136 15.87 -26.05 -21.02
C GLN A 136 16.72 -26.06 -19.73
N GLY A 137 17.73 -26.92 -19.68
CA GLY A 137 18.60 -27.04 -18.52
C GLY A 137 19.67 -25.95 -18.46
N GLN A 138 19.56 -24.90 -19.28
CA GLN A 138 20.50 -23.80 -19.23
C GLN A 138 20.51 -23.21 -17.82
N PRO A 139 21.69 -23.01 -17.22
CA PRO A 139 21.74 -22.57 -15.83
C PRO A 139 21.22 -21.16 -15.62
N ILE A 140 21.35 -20.64 -14.40
CA ILE A 140 20.92 -19.31 -14.06
C ILE A 140 22.18 -18.49 -13.81
N SER A 141 22.55 -17.65 -14.77
CA SER A 141 23.67 -16.75 -14.59
C SER A 141 23.38 -15.78 -13.45
N ALA A 142 24.42 -15.46 -12.68
CA ALA A 142 24.26 -14.43 -11.67
C ALA A 142 23.96 -13.07 -12.30
N ASP A 143 24.37 -12.88 -13.55
CA ASP A 143 24.08 -11.65 -14.26
C ASP A 143 22.58 -11.44 -14.47
N LEU A 144 21.78 -12.50 -14.30
CA LEU A 144 20.33 -12.38 -14.45
C LEU A 144 19.67 -11.75 -13.22
N LEU A 145 20.39 -11.61 -12.11
CA LEU A 145 19.84 -11.05 -10.87
C LEU A 145 20.77 -9.96 -10.32
N PRO A 146 20.88 -8.83 -11.02
CA PRO A 146 21.83 -7.79 -10.60
C PRO A 146 21.40 -6.98 -9.38
N SER A 147 20.22 -7.22 -8.83
CA SER A 147 19.77 -6.47 -7.67
C SER A 147 19.10 -7.35 -6.61
N THR A 148 19.16 -8.67 -6.76
CA THR A 148 18.50 -9.58 -5.83
C THR A 148 19.39 -9.89 -4.64
N TYR A 149 18.78 -9.94 -3.46
CA TYR A 149 19.41 -10.44 -2.25
C TYR A 149 18.77 -11.78 -1.89
N ILE A 150 19.53 -12.63 -1.23
CA ILE A 150 19.04 -13.92 -0.74
C ILE A 150 19.05 -13.86 0.78
N GLU A 151 17.87 -13.92 1.39
CA GLU A 151 17.76 -13.73 2.83
C GLU A 151 18.40 -14.90 3.56
N GLY A 152 19.35 -14.60 4.46
CA GLY A 152 20.08 -15.59 5.19
C GLY A 152 21.45 -15.92 4.62
N LEU A 153 21.77 -15.39 3.44
CA LEU A 153 23.06 -15.61 2.79
C LEU A 153 23.85 -14.31 2.71
N PRO A 154 25.18 -14.38 2.85
CA PRO A 154 26.03 -15.57 2.95
C PRO A 154 26.08 -16.20 4.34
N GLN A 155 26.35 -17.50 4.38
CA GLN A 155 26.63 -18.21 5.63
C GLN A 155 28.01 -18.86 5.54
N GLY A 156 28.56 -19.25 6.69
N GLN A 165 31.63 -3.41 2.07
CA GLN A 165 31.05 -3.60 0.75
C GLN A 165 29.69 -4.29 0.86
N LYS A 166 28.62 -3.49 0.88
CA LYS A 166 27.28 -4.07 0.90
C LYS A 166 27.03 -4.91 -0.36
N GLU A 167 27.52 -4.42 -1.51
CA GLU A 167 27.35 -5.17 -2.75
C GLU A 167 28.21 -6.43 -2.78
N GLY A 168 29.39 -6.39 -2.15
CA GLY A 168 30.17 -7.62 -2.02
C GLY A 168 29.42 -8.68 -1.24
N MET A 169 28.83 -8.29 -0.10
CA MET A 169 27.93 -9.17 0.64
C MET A 169 26.85 -9.73 -0.28
N ARG A 170 26.20 -8.85 -1.04
CA ARG A 170 25.11 -9.26 -1.91
C ARG A 170 25.56 -10.34 -2.90
N LYS A 171 26.68 -10.09 -3.58
CA LYS A 171 27.16 -11.04 -4.58
C LYS A 171 27.56 -12.36 -3.93
N GLN A 172 28.17 -12.31 -2.75
CA GLN A 172 28.56 -13.57 -2.09
C GLN A 172 27.33 -14.40 -1.76
N GLY A 173 26.29 -13.76 -1.20
CA GLY A 173 25.06 -14.49 -0.93
C GLY A 173 24.43 -15.05 -2.19
N LEU A 174 24.39 -14.25 -3.27
CA LEU A 174 23.80 -14.71 -4.51
C LEU A 174 24.56 -15.91 -5.07
N PHE A 175 25.89 -15.89 -4.97
CA PHE A 175 26.70 -17.01 -5.43
C PHE A 175 26.44 -18.25 -4.61
N GLN A 176 26.40 -18.11 -3.28
CA GLN A 176 26.08 -19.25 -2.42
C GLN A 176 24.74 -19.85 -2.80
N TRP A 177 23.76 -19.01 -3.12
CA TRP A 177 22.43 -19.51 -3.49
C TRP A 177 22.47 -20.25 -4.83
N LEU A 178 23.08 -19.63 -5.85
CA LEU A 178 23.05 -20.22 -7.18
C LEU A 178 23.86 -21.51 -7.24
N ASP A 179 24.96 -21.57 -6.48
CA ASP A 179 25.80 -22.77 -6.50
C ASP A 179 25.07 -23.98 -5.95
N SER A 180 24.36 -23.80 -4.83
CA SER A 180 23.70 -24.92 -4.15
C SER A 180 22.37 -25.27 -4.80
N LEU A 181 22.25 -25.04 -6.10
CA LEU A 181 20.97 -25.21 -6.79
C LEU A 181 20.94 -26.49 -7.63
N LEU A 186 14.60 -29.44 -10.42
CA LEU A 186 13.37 -29.67 -11.16
C LEU A 186 12.18 -29.76 -10.21
N THR A 187 11.17 -28.91 -10.45
CA THR A 187 10.02 -28.72 -9.56
C THR A 187 10.45 -28.36 -8.14
N SER A 188 11.70 -27.99 -7.96
CA SER A 188 12.18 -27.57 -6.64
C SER A 188 11.65 -26.18 -6.33
N PRO A 189 11.05 -25.97 -5.16
CA PRO A 189 10.51 -24.64 -4.83
C PRO A 189 11.56 -23.53 -4.91
N ASP A 190 12.79 -23.81 -4.50
CA ASP A 190 13.83 -22.78 -4.53
C ASP A 190 14.16 -22.36 -5.96
N LEU A 191 14.21 -23.32 -6.88
CA LEU A 191 14.45 -23.00 -8.28
C LEU A 191 13.30 -22.16 -8.85
N GLN A 192 12.07 -22.48 -8.47
CA GLN A 192 10.93 -21.65 -8.83
C GLN A 192 11.11 -20.21 -8.36
N LEU A 193 11.44 -20.05 -7.07
CA LEU A 193 11.66 -18.72 -6.52
C LEU A 193 12.74 -17.97 -7.29
N THR A 194 13.79 -18.67 -7.71
CA THR A 194 14.85 -18.03 -8.49
C THR A 194 14.33 -17.55 -9.85
N VAL A 195 13.53 -18.39 -10.52
CA VAL A 195 12.98 -17.98 -11.81
C VAL A 195 12.07 -16.76 -11.64
N GLY A 196 11.22 -16.80 -10.62
CA GLY A 196 10.34 -15.67 -10.36
C GLY A 196 11.10 -14.41 -10.02
N ALA A 197 12.22 -14.56 -9.29
CA ALA A 197 13.06 -13.40 -8.98
C ALA A 197 13.67 -12.81 -10.24
N VAL A 198 14.10 -13.66 -11.18
CA VAL A 198 14.60 -13.15 -12.46
C VAL A 198 13.49 -12.39 -13.19
N ILE A 199 12.28 -12.96 -13.21
CA ILE A 199 11.15 -12.29 -13.85
C ILE A 199 10.89 -10.95 -13.18
N VAL A 200 11.04 -10.88 -11.87
CA VAL A 200 10.77 -9.62 -11.15
C VAL A 200 11.85 -8.59 -11.46
N GLU A 201 13.11 -9.02 -11.57
CA GLU A 201 14.17 -8.14 -12.05
C GLU A 201 13.78 -7.54 -13.40
N GLU A 202 13.28 -8.38 -14.31
CA GLU A 202 12.82 -7.91 -15.61
C GLU A 202 11.70 -6.90 -15.48
N MET A 203 10.66 -7.27 -14.74
CA MET A 203 9.51 -6.41 -14.46
C MET A 203 9.95 -5.03 -14.00
N ARG A 204 10.87 -5.00 -13.05
CA ARG A 204 11.28 -3.75 -12.44
C ARG A 204 12.13 -2.92 -13.39
N ALA A 205 13.00 -3.57 -14.16
CA ALA A 205 13.73 -2.84 -15.19
C ALA A 205 12.79 -2.23 -16.21
N ALA A 206 11.70 -2.94 -16.53
CA ALA A 206 10.70 -2.40 -17.45
C ALA A 206 9.99 -1.19 -16.85
N ILE A 207 9.57 -1.32 -15.58
CA ILE A 207 8.96 -0.19 -14.88
C ILE A 207 9.86 1.03 -14.90
N GLU A 208 11.16 0.82 -14.64
CA GLU A 208 12.09 1.95 -14.57
C GLU A 208 12.36 2.54 -15.94
N ARG A 209 12.49 1.70 -16.97
CA ARG A 209 12.77 2.20 -18.32
C ARG A 209 11.57 2.94 -18.89
N GLU A 210 10.35 2.54 -18.52
CA GLU A 210 9.15 3.09 -19.12
C GLU A 210 8.48 4.16 -18.27
N THR A 211 8.85 4.32 -17.00
CA THR A 211 8.32 5.39 -16.17
C THR A 211 9.38 6.23 -15.48
N GLY A 212 10.62 5.77 -15.39
CA GLY A 212 11.63 6.41 -14.58
C GLY A 212 11.50 6.14 -13.11
N PHE A 213 10.51 5.35 -12.69
CA PHE A 213 10.24 5.12 -11.28
C PHE A 213 10.98 3.89 -10.80
N GLN A 214 11.47 3.95 -9.56
CA GLN A 214 12.19 2.86 -8.93
C GLN A 214 11.35 2.21 -7.85
N CYS A 215 11.67 0.96 -7.54
CA CYS A 215 10.83 0.18 -6.64
C CYS A 215 11.65 -0.96 -6.05
N SER A 216 11.13 -1.52 -4.96
CA SER A 216 11.63 -2.74 -4.36
C SER A 216 10.59 -3.84 -4.53
N ALA A 217 11.03 -5.07 -4.32
CA ALA A 217 10.16 -6.22 -4.50
C ALA A 217 10.57 -7.35 -3.57
N GLY A 218 9.59 -8.13 -3.17
CA GLY A 218 9.83 -9.37 -2.44
C GLY A 218 9.26 -10.53 -3.22
N ILE A 219 10.03 -11.61 -3.33
CA ILE A 219 9.59 -12.83 -3.98
C ILE A 219 9.58 -13.95 -2.96
N SER A 220 8.51 -14.75 -2.97
CA SER A 220 8.38 -15.85 -2.03
C SER A 220 7.24 -16.77 -2.44
N HIS A 221 6.61 -17.44 -1.46
CA HIS A 221 5.56 -18.41 -1.73
C HIS A 221 4.17 -17.90 -1.39
N ASN A 222 4.05 -16.77 -0.70
CA ASN A 222 2.74 -16.22 -0.34
C ASN A 222 2.87 -14.70 -0.23
N LYS A 223 1.75 -14.06 0.14
CA LYS A 223 1.69 -12.60 0.12
C LYS A 223 2.48 -11.99 1.27
N VAL A 224 2.35 -12.53 2.47
CA VAL A 224 2.98 -11.91 3.64
C VAL A 224 4.50 -12.01 3.57
N LEU A 225 5.02 -13.19 3.23
CA LEU A 225 6.46 -13.33 3.09
C LEU A 225 7.00 -12.41 2.01
N ALA A 226 6.28 -12.27 0.90
CA ALA A 226 6.70 -11.34 -0.15
C ALA A 226 6.72 -9.91 0.35
N LYS A 227 5.70 -9.51 1.12
CA LYS A 227 5.66 -8.13 1.61
C LYS A 227 6.78 -7.85 2.60
N LEU A 228 7.15 -8.84 3.41
CA LEU A 228 8.28 -8.68 4.32
C LEU A 228 9.60 -8.60 3.57
N ALA A 229 9.78 -9.50 2.59
CA ALA A 229 11.01 -9.51 1.80
C ALA A 229 11.19 -8.20 1.05
N CYS A 230 10.09 -7.61 0.54
CA CYS A 230 10.20 -6.36 -0.18
C CYS A 230 10.80 -5.26 0.70
N GLY A 231 10.47 -5.27 1.99
CA GLY A 231 11.03 -4.32 2.93
C GLY A 231 12.37 -4.69 3.51
N LEU A 232 12.83 -5.92 3.30
CA LEU A 232 14.15 -6.30 3.80
C LEU A 232 15.26 -5.41 3.22
N ASN A 233 15.24 -5.16 1.91
CA ASN A 233 16.34 -4.45 1.23
C ASN A 233 15.78 -3.32 0.37
N LYS A 234 15.51 -2.17 0.99
CA LYS A 234 15.05 -0.98 0.31
C LYS A 234 16.16 0.07 0.27
N PRO A 235 16.27 0.86 -0.80
CA PRO A 235 15.42 0.89 -2.00
C PRO A 235 16.09 0.32 -3.26
N ASN A 236 15.30 0.20 -4.33
CA ASN A 236 15.76 -0.22 -5.65
C ASN A 236 16.42 -1.60 -5.64
N ARG A 237 16.09 -2.43 -4.66
CA ARG A 237 16.59 -3.80 -4.60
C ARG A 237 15.43 -4.75 -4.34
N GLN A 238 15.64 -6.03 -4.61
CA GLN A 238 14.63 -7.05 -4.35
C GLN A 238 15.24 -8.18 -3.55
N THR A 239 14.40 -8.82 -2.73
CA THR A 239 14.85 -9.90 -1.85
C THR A 239 14.02 -11.15 -2.08
N LEU A 240 14.70 -12.28 -2.22
CA LEU A 240 14.06 -13.58 -2.26
C LEU A 240 14.09 -14.18 -0.86
N VAL A 241 12.94 -14.70 -0.42
CA VAL A 241 12.83 -15.37 0.87
C VAL A 241 12.30 -16.76 0.59
N SER A 242 13.12 -17.76 0.88
CA SER A 242 12.77 -19.15 0.65
C SER A 242 12.13 -19.76 1.89
N HIS A 243 11.56 -20.95 1.71
CA HIS A 243 11.06 -21.72 2.85
C HIS A 243 12.14 -21.91 3.91
N GLY A 244 13.39 -22.07 3.48
CA GLY A 244 14.46 -22.38 4.41
C GLY A 244 14.91 -21.20 5.25
N SER A 245 14.82 -19.98 4.71
CA SER A 245 15.19 -18.81 5.50
C SER A 245 14.17 -18.48 6.58
N VAL A 246 12.98 -19.08 6.55
CA VAL A 246 11.89 -18.63 7.40
C VAL A 246 12.19 -18.80 8.91
N PRO A 247 12.66 -19.96 9.37
CA PRO A 247 12.93 -20.07 10.84
C PRO A 247 13.91 -19.03 11.34
N GLN A 248 15.05 -18.90 10.65
CA GLN A 248 16.05 -17.89 11.03
C GLN A 248 15.46 -16.49 10.98
N LEU A 249 14.81 -16.14 9.86
CA LEU A 249 14.27 -14.80 9.70
C LEU A 249 13.28 -14.47 10.80
N PHE A 250 12.35 -15.39 11.08
CA PHE A 250 11.31 -15.15 12.07
C PHE A 250 11.82 -15.24 13.50
N SER A 251 13.00 -15.83 13.72
CA SER A 251 13.50 -16.00 15.08
C SER A 251 13.66 -14.67 15.79
N GLN A 252 14.14 -13.64 15.08
CA GLN A 252 14.30 -12.31 15.66
C GLN A 252 13.35 -11.29 15.03
N MET A 253 12.38 -11.75 14.24
CA MET A 253 11.45 -10.85 13.58
C MET A 253 10.38 -10.38 14.57
N PRO A 254 10.33 -9.08 14.89
CA PRO A 254 9.24 -8.59 15.75
C PRO A 254 7.88 -8.87 15.11
N ILE A 255 6.94 -9.34 15.94
CA ILE A 255 5.64 -9.77 15.45
C ILE A 255 4.95 -8.66 14.66
N ARG A 256 5.04 -7.42 15.14
CA ARG A 256 4.34 -6.28 14.56
C ARG A 256 4.73 -5.98 13.11
N LYS A 257 5.78 -6.59 12.58
CA LYS A 257 6.18 -6.31 11.20
C LYS A 257 5.43 -7.17 10.18
N ILE A 258 4.55 -8.05 10.62
CA ILE A 258 3.79 -8.91 9.72
C ILE A 258 2.50 -8.22 9.33
N ARG A 259 2.06 -8.43 8.09
CA ARG A 259 0.86 -7.78 7.59
C ARG A 259 -0.36 -8.25 8.37
N SER A 260 -1.03 -7.30 9.02
CA SER A 260 -2.24 -7.41 9.84
C SER A 260 -1.92 -7.67 11.32
N LEU A 261 -0.66 -7.88 11.69
CA LEU A 261 -0.28 -8.00 13.09
C LEU A 261 0.32 -6.71 13.63
N GLY A 262 0.12 -5.58 12.94
CA GLY A 262 0.60 -4.30 13.40
C GLY A 262 -0.38 -3.52 14.25
N GLY A 263 -1.55 -4.06 14.54
CA GLY A 263 -2.56 -3.32 15.28
C GLY A 263 -2.86 -3.88 16.65
N LYS A 264 -4.15 -4.09 16.94
CA LYS A 264 -4.56 -4.57 18.25
C LYS A 264 -4.43 -6.08 18.38
N LEU A 265 -4.73 -6.82 17.30
CA LEU A 265 -4.58 -8.27 17.32
C LEU A 265 -3.12 -8.66 17.58
N GLY A 266 -2.19 -8.04 16.85
CA GLY A 266 -0.79 -8.32 17.08
C GLY A 266 -0.32 -7.91 18.45
N ALA A 267 -0.91 -6.86 19.01
CA ALA A 267 -0.54 -6.41 20.35
C ALA A 267 -1.00 -7.41 21.40
N SER A 268 -2.26 -7.87 21.31
CA SER A 268 -2.73 -8.84 22.28
C SER A 268 -2.10 -10.20 22.12
N VAL A 269 -1.65 -10.58 20.91
CA VAL A 269 -0.90 -11.83 20.77
C VAL A 269 0.31 -11.78 21.70
N ILE A 270 1.04 -10.67 21.66
CA ILE A 270 2.19 -10.46 22.53
C ILE A 270 1.77 -10.43 23.99
N GLU A 271 0.66 -9.76 24.30
CA GLU A 271 0.17 -9.70 25.68
C GLU A 271 -0.11 -11.10 26.25
N ILE A 272 -1.10 -11.80 25.67
CA ILE A 272 -1.49 -13.12 26.19
C ILE A 272 -0.34 -14.12 26.12
N LEU A 273 0.25 -14.34 24.93
CA LEU A 273 1.24 -15.42 24.84
C LEU A 273 2.58 -15.06 25.50
N GLY A 274 2.83 -13.79 25.78
CA GLY A 274 4.07 -13.38 26.39
C GLY A 274 5.27 -13.67 25.52
N ILE A 275 5.29 -13.07 24.32
CA ILE A 275 6.33 -13.35 23.33
C ILE A 275 6.90 -12.05 22.79
N GLU A 276 7.56 -12.10 21.65
CA GLU A 276 8.28 -10.94 21.13
C GLU A 276 8.61 -11.07 19.65
N TYR A 277 8.70 -12.31 19.17
CA TYR A 277 9.08 -12.55 17.78
C TYR A 277 8.18 -13.61 17.17
N MET A 278 8.20 -13.68 15.85
CA MET A 278 7.29 -14.57 15.13
C MET A 278 7.56 -16.04 15.45
N GLY A 279 8.84 -16.43 15.50
CA GLY A 279 9.19 -17.83 15.68
C GLY A 279 8.57 -18.44 16.93
N GLU A 280 8.42 -17.65 17.99
CA GLU A 280 7.85 -18.16 19.24
C GLU A 280 6.39 -18.60 19.10
N LEU A 281 5.72 -18.26 18.00
CA LEU A 281 4.38 -18.80 17.79
C LEU A 281 4.40 -20.27 17.39
N THR A 282 5.57 -20.81 17.03
CA THR A 282 5.65 -22.21 16.60
C THR A 282 5.43 -23.17 17.76
N GLN A 283 5.85 -22.80 18.97
CA GLN A 283 5.72 -23.65 20.15
C GLN A 283 4.27 -23.81 20.63
N PHE A 284 3.28 -23.38 19.84
CA PHE A 284 1.87 -23.45 20.22
C PHE A 284 1.12 -24.31 19.22
N THR A 285 0.17 -25.09 19.73
CA THR A 285 -0.67 -25.91 18.87
C THR A 285 -1.76 -25.06 18.24
N GLU A 286 -2.28 -25.55 17.10
CA GLU A 286 -3.27 -24.79 16.36
C GLU A 286 -4.55 -24.57 17.17
N SER A 287 -4.95 -25.58 17.94
CA SER A 287 -6.14 -25.44 18.77
C SER A 287 -5.92 -24.42 19.88
N GLN A 288 -4.70 -24.38 20.44
CA GLN A 288 -4.36 -23.37 21.43
C GLN A 288 -4.60 -21.97 20.89
N LEU A 289 -4.03 -21.68 19.72
CA LEU A 289 -4.16 -20.35 19.15
C LEU A 289 -5.59 -20.06 18.69
N GLN A 290 -6.34 -21.09 18.26
CA GLN A 290 -7.75 -20.87 17.95
C GLN A 290 -8.52 -20.49 19.20
N SER A 291 -8.25 -21.17 20.32
CA SER A 291 -8.86 -20.79 21.58
C SER A 291 -8.48 -19.38 21.99
N HIS A 292 -7.25 -18.96 21.68
CA HIS A 292 -6.78 -17.66 22.12
C HIS A 292 -7.33 -16.51 21.27
N PHE A 293 -7.44 -16.72 19.96
CA PHE A 293 -7.69 -15.63 19.03
C PHE A 293 -8.79 -15.94 18.02
N GLY A 294 -9.42 -17.10 18.11
CA GLY A 294 -10.47 -17.41 17.17
C GLY A 294 -10.05 -18.51 16.21
N GLU A 295 -11.04 -19.25 15.73
CA GLU A 295 -10.86 -20.27 14.70
C GLU A 295 -9.98 -19.77 13.57
N LYS A 296 -10.47 -18.76 12.86
CA LYS A 296 -9.79 -18.24 11.67
C LYS A 296 -8.44 -17.62 12.00
N ASN A 297 -8.28 -17.07 13.20
CA ASN A 297 -7.02 -16.42 13.57
C ASN A 297 -6.01 -17.42 14.13
N GLY A 298 -6.46 -18.38 14.93
CA GLY A 298 -5.56 -19.42 15.39
C GLY A 298 -5.01 -20.25 14.25
N SER A 299 -5.87 -20.67 13.34
CA SER A 299 -5.40 -21.39 12.16
C SER A 299 -4.37 -20.58 11.39
N TRP A 300 -4.70 -19.31 11.13
CA TRP A 300 -3.84 -18.45 10.32
C TRP A 300 -2.50 -18.21 11.00
N LEU A 301 -2.49 -18.07 12.32
CA LEU A 301 -1.23 -17.82 13.04
C LEU A 301 -0.37 -19.08 13.08
N TYR A 302 -0.99 -20.23 13.40
CA TYR A 302 -0.26 -21.50 13.38
C TYR A 302 0.40 -21.70 12.02
N ALA A 303 -0.32 -21.40 10.94
CA ALA A 303 0.28 -21.56 9.61
C ALA A 303 1.34 -20.50 9.35
N MET A 304 1.08 -19.25 9.77
CA MET A 304 1.95 -18.14 9.41
C MET A 304 3.32 -18.26 10.05
N CYS A 305 3.35 -18.52 11.35
CA CYS A 305 4.64 -18.63 12.05
C CYS A 305 5.54 -19.71 11.43
N ARG A 306 4.96 -20.68 10.73
CA ARG A 306 5.71 -21.68 9.98
C ARG A 306 5.92 -21.29 8.52
N GLY A 307 5.58 -20.05 8.15
CA GLY A 307 5.82 -19.58 6.80
C GLY A 307 4.78 -19.98 5.78
N ILE A 308 3.60 -20.42 6.20
CA ILE A 308 2.57 -20.92 5.29
C ILE A 308 1.36 -20.00 5.39
N GLU A 309 0.86 -19.56 4.24
CA GLU A 309 -0.31 -18.70 4.15
C GLU A 309 -0.99 -18.96 2.83
N HIS A 310 -2.33 -18.98 2.84
CA HIS A 310 -3.11 -19.37 1.67
C HIS A 310 -3.88 -18.23 1.03
N ASP A 311 -3.82 -17.02 1.58
CA ASP A 311 -4.53 -15.88 1.00
C ASP A 311 -4.12 -15.71 -0.46
N PRO A 312 -5.04 -15.87 -1.40
CA PRO A 312 -4.66 -15.89 -2.82
C PRO A 312 -4.45 -14.50 -3.40
N VAL A 313 -3.81 -14.47 -4.56
CA VAL A 313 -3.57 -13.23 -5.30
C VAL A 313 -4.80 -13.01 -6.17
N LYS A 314 -5.63 -12.06 -5.77
CA LYS A 314 -6.91 -11.84 -6.43
C LYS A 314 -6.74 -10.99 -7.68
N PRO A 315 -7.27 -11.43 -8.82
CA PRO A 315 -7.19 -10.60 -10.03
C PRO A 315 -8.05 -9.35 -9.91
N ARG A 316 -7.48 -8.26 -9.37
CA ARG A 316 -8.23 -7.03 -9.17
C ARG A 316 -7.24 -5.86 -9.22
N GLN A 317 -7.12 -5.26 -10.40
CA GLN A 317 -6.27 -4.10 -10.60
C GLN A 317 -7.01 -2.79 -10.36
N LEU A 318 -8.33 -2.82 -10.29
CA LEU A 318 -9.18 -1.65 -10.18
C LEU A 318 -9.82 -1.54 -8.80
N PRO A 319 -9.85 -0.34 -8.22
CA PRO A 319 -10.48 -0.17 -6.91
C PRO A 319 -11.95 -0.55 -6.92
N LYS A 320 -12.46 -0.83 -5.71
CA LYS A 320 -13.87 -1.17 -5.51
C LYS A 320 -14.70 0.00 -5.01
N THR A 321 -14.07 1.03 -4.47
CA THR A 321 -14.75 2.23 -4.00
C THR A 321 -13.97 3.45 -4.47
N ILE A 322 -14.66 4.59 -4.52
CA ILE A 322 -14.05 5.85 -4.91
C ILE A 322 -14.58 6.92 -3.97
N GLY A 323 -13.70 7.54 -3.19
CA GLY A 323 -14.14 8.44 -2.14
C GLY A 323 -13.31 9.70 -2.06
N CYS A 324 -13.90 10.70 -1.40
CA CYS A 324 -13.22 11.91 -0.98
C CYS A 324 -13.62 12.22 0.45
N SER A 325 -12.64 12.58 1.27
CA SER A 325 -12.91 13.07 2.62
C SER A 325 -12.25 14.41 2.81
N LYS A 326 -12.77 15.16 3.77
CA LYS A 326 -12.11 16.37 4.25
C LYS A 326 -12.26 16.44 5.76
N ASN A 327 -11.14 16.67 6.43
CA ASN A 327 -11.09 16.84 7.88
C ASN A 327 -11.30 18.32 8.21
N PHE A 328 -12.03 18.56 9.29
CA PHE A 328 -12.27 19.91 9.80
C PHE A 328 -11.89 19.94 11.27
N PRO A 329 -10.60 19.89 11.57
CA PRO A 329 -10.17 19.74 12.97
C PRO A 329 -10.30 21.03 13.76
N GLY A 330 -10.37 20.87 15.07
CA GLY A 330 -10.28 22.00 15.99
C GLY A 330 -11.41 23.00 15.82
N LYS A 331 -11.03 24.28 15.81
CA LYS A 331 -11.98 25.38 15.67
C LYS A 331 -12.58 25.46 14.27
N THR A 332 -12.15 24.62 13.33
CA THR A 332 -12.56 24.70 11.94
C THR A 332 -13.72 23.76 11.61
N ALA A 333 -14.26 23.04 12.59
CA ALA A 333 -15.39 22.16 12.35
C ALA A 333 -16.61 22.95 11.90
N LEU A 334 -17.48 22.31 11.13
CA LEU A 334 -18.60 22.99 10.48
C LEU A 334 -19.77 23.10 11.44
N ALA A 335 -20.25 24.33 11.65
CA ALA A 335 -21.34 24.59 12.59
C ALA A 335 -22.49 25.38 11.95
N THR A 336 -22.55 25.43 10.63
CA THR A 336 -23.69 26.00 9.92
C THR A 336 -24.11 25.03 8.82
N ARG A 337 -25.42 24.95 8.58
CA ARG A 337 -25.89 24.16 7.46
C ARG A 337 -25.51 24.79 6.13
N GLU A 338 -25.37 26.12 6.09
CA GLU A 338 -24.98 26.84 4.89
C GLU A 338 -23.62 26.39 4.36
N GLN A 339 -22.74 25.88 5.22
CA GLN A 339 -21.42 25.43 4.79
C GLN A 339 -21.26 23.92 4.76
N VAL A 340 -22.04 23.19 5.56
CA VAL A 340 -22.15 21.75 5.34
C VAL A 340 -22.64 21.49 3.91
N GLN A 341 -23.65 22.26 3.48
CA GLN A 341 -24.08 22.25 2.09
C GLN A 341 -22.89 22.42 1.15
N TRP A 342 -22.07 23.44 1.41
CA TRP A 342 -21.03 23.83 0.46
C TRP A 342 -19.93 22.76 0.38
N TRP A 343 -19.51 22.22 1.52
CA TRP A 343 -18.45 21.21 1.48
C TRP A 343 -18.96 19.89 0.91
N LEU A 344 -20.22 19.53 1.19
CA LEU A 344 -20.81 18.40 0.49
C LEU A 344 -20.79 18.62 -1.02
N LEU A 345 -21.07 19.86 -1.46
CA LEU A 345 -21.04 20.15 -2.89
C LEU A 345 -19.64 20.02 -3.47
N GLN A 346 -18.64 20.51 -2.75
CA GLN A 346 -17.25 20.39 -3.21
C GLN A 346 -16.86 18.91 -3.36
N LEU A 347 -17.15 18.12 -2.33
CA LEU A 347 -16.82 16.70 -2.36
C LEU A 347 -17.53 16.01 -3.51
N ALA A 348 -18.82 16.31 -3.71
CA ALA A 348 -19.54 15.72 -4.83
C ALA A 348 -18.94 16.15 -6.16
N GLN A 349 -18.44 17.37 -6.26
CA GLN A 349 -17.80 17.84 -7.49
C GLN A 349 -16.59 16.97 -7.86
N GLU A 350 -15.65 16.82 -6.92
CA GLU A 350 -14.48 16.02 -7.22
C GLU A 350 -14.86 14.56 -7.45
N LEU A 351 -15.79 14.04 -6.63
CA LEU A 351 -16.25 12.67 -6.81
C LEU A 351 -16.85 12.46 -8.19
N GLU A 352 -17.53 13.48 -8.71
CA GLU A 352 -18.17 13.36 -10.01
C GLU A 352 -17.15 13.37 -11.14
N GLU A 353 -16.17 14.27 -11.07
CA GLU A 353 -15.10 14.24 -12.07
C GLU A 353 -14.44 12.87 -12.10
N ARG A 354 -14.03 12.36 -10.93
CA ARG A 354 -13.40 11.05 -10.86
C ARG A 354 -14.33 9.95 -11.36
N LEU A 355 -15.63 10.07 -11.08
CA LEU A 355 -16.58 9.01 -11.43
C LEU A 355 -16.81 8.96 -12.93
N THR A 356 -16.92 10.11 -13.59
CA THR A 356 -17.04 10.11 -15.04
C THR A 356 -15.78 9.57 -15.70
N LYS A 357 -14.61 9.93 -15.16
CA LYS A 357 -13.38 9.35 -15.67
C LYS A 357 -13.40 7.83 -15.52
N ASP A 358 -13.91 7.34 -14.40
CA ASP A 358 -13.99 5.90 -14.18
C ASP A 358 -14.96 5.24 -15.15
N ARG A 359 -16.12 5.88 -15.37
CA ARG A 359 -17.09 5.33 -16.32
C ARG A 359 -16.49 5.18 -17.70
N ASN A 360 -15.82 6.22 -18.20
CA ASN A 360 -15.30 6.16 -19.56
C ASN A 360 -13.98 5.40 -19.68
N ASP A 361 -13.24 5.22 -18.58
CA ASP A 361 -11.97 4.51 -18.65
C ASP A 361 -12.12 3.02 -18.40
N ASN A 362 -13.03 2.63 -17.51
CA ASN A 362 -13.14 1.25 -17.06
C ASN A 362 -14.48 0.61 -17.38
N ASP A 363 -15.40 1.33 -18.03
CA ASP A 363 -16.67 0.78 -18.49
C ASP A 363 -17.46 0.18 -17.32
N ARG A 364 -17.73 1.02 -16.31
CA ARG A 364 -18.49 0.59 -15.15
C ARG A 364 -19.06 1.82 -14.46
N VAL A 365 -20.14 1.59 -13.71
CA VAL A 365 -20.92 2.66 -13.08
C VAL A 365 -21.09 2.33 -11.61
N ALA A 366 -20.92 3.33 -10.75
CA ALA A 366 -21.21 3.18 -9.33
C ALA A 366 -22.72 3.28 -9.10
N THR A 367 -23.21 2.50 -8.13
CA THR A 367 -24.65 2.39 -7.90
C THR A 367 -25.11 2.80 -6.51
N GLN A 368 -24.21 2.86 -5.52
CA GLN A 368 -24.59 3.20 -4.15
C GLN A 368 -23.66 4.29 -3.62
N LEU A 369 -24.25 5.32 -3.01
CA LEU A 369 -23.49 6.40 -2.42
C LEU A 369 -23.44 6.22 -0.91
N VAL A 370 -22.26 6.45 -0.33
CA VAL A 370 -22.04 6.30 1.10
C VAL A 370 -21.62 7.66 1.67
N VAL A 371 -22.41 8.17 2.60
CA VAL A 371 -22.11 9.41 3.30
C VAL A 371 -21.59 9.06 4.68
N SER A 372 -20.41 9.56 5.04
CA SER A 372 -19.81 9.33 6.34
C SER A 372 -19.47 10.65 6.99
N ILE A 373 -19.88 10.82 8.25
CA ILE A 373 -19.63 12.05 9.00
C ILE A 373 -19.10 11.72 10.38
N ARG A 374 -18.46 12.72 10.98
CA ARG A 374 -17.87 12.61 12.31
C ARG A 374 -18.18 13.85 13.11
N VAL A 375 -18.38 13.68 14.42
CA VAL A 375 -18.68 14.80 15.32
C VAL A 375 -17.67 14.79 16.45
N GLN A 376 -17.42 15.98 17.01
CA GLN A 376 -16.48 16.13 18.12
C GLN A 376 -16.95 15.38 19.35
N SER A 382 -15.08 8.14 11.75
CA SER A 382 -16.33 7.87 11.04
C SER A 382 -17.44 7.48 11.99
N SER A 383 -17.83 8.43 12.85
CA SER A 383 -18.86 8.18 13.86
C SER A 383 -20.23 7.90 13.26
N LEU A 384 -20.45 8.17 11.97
CA LEU A 384 -21.73 7.85 11.36
C LEU A 384 -21.51 7.55 9.88
N ARG A 385 -22.21 6.52 9.39
CA ARG A 385 -22.18 6.13 7.98
C ARG A 385 -23.56 5.69 7.55
N ARG A 386 -24.06 6.29 6.46
CA ARG A 386 -25.30 5.86 5.84
C ARG A 386 -25.07 5.66 4.35
N CYS A 387 -26.04 5.02 3.70
CA CYS A 387 -25.98 4.76 2.26
C CYS A 387 -27.30 5.15 1.62
N CYS A 388 -27.23 5.55 0.35
CA CYS A 388 -28.39 5.88 -0.45
C CYS A 388 -28.10 5.54 -1.91
N ALA A 389 -29.01 5.92 -2.80
CA ALA A 389 -28.93 5.54 -4.20
C ALA A 389 -28.02 6.46 -4.99
N LEU A 390 -27.26 5.87 -5.92
CA LEU A 390 -26.37 6.60 -6.82
C LEU A 390 -26.88 6.35 -8.24
N THR A 391 -27.65 7.29 -8.77
CA THR A 391 -28.35 7.11 -10.03
C THR A 391 -27.83 7.95 -11.17
N ARG A 392 -27.34 9.14 -10.88
CA ARG A 392 -26.80 10.04 -11.90
C ARG A 392 -25.48 10.59 -11.39
N TYR A 393 -24.48 10.62 -12.28
CA TYR A 393 -23.18 11.21 -11.95
C TYR A 393 -23.32 12.72 -11.93
N ASP A 394 -24.08 13.21 -10.93
CA ASP A 394 -24.44 14.61 -10.83
C ASP A 394 -24.00 15.13 -9.46
N ALA A 395 -23.16 16.17 -9.46
CA ALA A 395 -22.63 16.67 -8.20
C ALA A 395 -23.71 17.28 -7.32
N HIS A 396 -24.61 18.07 -7.91
CA HIS A 396 -25.66 18.69 -7.11
C HIS A 396 -26.63 17.64 -6.56
N LYS A 397 -27.03 16.69 -7.40
CA LYS A 397 -27.90 15.62 -6.94
C LYS A 397 -27.29 14.83 -5.80
N MET A 398 -26.01 14.48 -5.93
CA MET A 398 -25.36 13.67 -4.90
C MET A 398 -25.17 14.47 -3.62
N SER A 399 -24.77 15.74 -3.73
CA SER A 399 -24.61 16.57 -2.54
C SER A 399 -25.95 16.72 -1.82
N HIS A 400 -27.03 16.95 -2.57
CA HIS A 400 -28.34 17.10 -1.95
C HIS A 400 -28.80 15.80 -1.29
N ASP A 401 -28.59 14.66 -1.95
CA ASP A 401 -29.00 13.39 -1.38
C ASP A 401 -28.18 13.06 -0.13
N ALA A 402 -26.90 13.39 -0.14
CA ALA A 402 -26.07 13.18 1.04
C ALA A 402 -26.53 14.06 2.19
N PHE A 403 -26.89 15.32 1.89
CA PHE A 403 -27.46 16.18 2.92
C PHE A 403 -28.73 15.57 3.48
N THR A 404 -29.72 15.33 2.62
CA THR A 404 -30.95 14.62 2.97
C THR A 404 -30.69 13.48 3.95
N VAL A 405 -29.74 12.62 3.59
CA VAL A 405 -29.43 11.43 4.35
C VAL A 405 -28.87 11.77 5.74
N ILE A 406 -28.31 12.96 5.92
CA ILE A 406 -27.78 13.39 7.21
C ILE A 406 -28.46 14.70 7.62
N LYS A 407 -29.43 14.61 8.51
CA LYS A 407 -30.09 15.80 9.06
C LYS A 407 -30.51 15.52 10.50
N ASN A 408 -31.13 14.37 10.69
CA ASN A 408 -31.43 13.77 11.99
C ASN A 408 -30.29 13.93 12.99
N CYS A 409 -29.06 13.97 12.48
CA CYS A 409 -27.89 14.12 13.34
C CYS A 409 -27.81 15.53 13.93
N ASN A 410 -28.24 16.55 13.17
CA ASN A 410 -28.12 17.92 13.63
C ASN A 410 -29.00 18.15 14.87
N THR A 411 -28.42 17.93 16.05
CA THR A 411 -29.12 18.16 17.30
C THR A 411 -29.65 19.58 17.43
N SER A 412 -29.11 20.52 16.65
CA SER A 412 -29.39 21.94 16.84
C SER A 412 -30.89 22.22 16.81
N GLY A 413 -31.34 23.06 17.73
CA GLY A 413 -32.70 23.55 17.72
C GLY A 413 -32.87 24.72 16.76
N ILE A 414 -31.87 25.61 16.74
CA ILE A 414 -31.88 26.71 15.77
C ILE A 414 -31.74 26.14 14.37
N GLN A 415 -32.59 26.62 13.45
CA GLN A 415 -32.72 26.02 12.13
C GLN A 415 -31.46 26.19 11.29
N THR A 416 -30.77 27.32 11.42
CA THR A 416 -29.69 27.68 10.51
C THR A 416 -28.29 27.41 11.05
N GLU A 417 -28.17 26.81 12.23
CA GLU A 417 -26.88 26.34 12.72
C GLU A 417 -26.82 24.80 12.68
N TRP A 418 -25.64 24.28 13.00
CA TRP A 418 -25.40 22.84 13.01
C TRP A 418 -24.63 22.49 14.28
N SER A 419 -25.29 21.77 15.19
CA SER A 419 -24.66 21.33 16.42
C SER A 419 -24.97 19.85 16.64
N PRO A 420 -23.98 19.07 17.07
CA PRO A 420 -22.60 19.48 17.34
C PRO A 420 -21.78 19.52 16.05
N PRO A 421 -20.77 20.40 16.00
CA PRO A 421 -20.05 20.63 14.74
C PRO A 421 -19.41 19.38 14.17
N LEU A 422 -19.29 19.35 12.84
CA LEU A 422 -18.77 18.19 12.11
C LEU A 422 -17.25 18.30 11.92
N THR A 423 -16.54 17.26 12.33
CA THR A 423 -15.09 17.20 12.20
C THR A 423 -14.64 16.63 10.85
N MET A 424 -15.46 15.79 10.22
CA MET A 424 -15.05 15.11 8.99
C MET A 424 -16.26 14.92 8.09
N LEU A 425 -16.04 15.08 6.78
CA LEU A 425 -17.03 14.73 5.77
C LEU A 425 -16.42 13.70 4.83
N PHE A 426 -17.20 12.67 4.49
CA PHE A 426 -16.69 11.57 3.66
C PHE A 426 -17.78 11.14 2.69
N LEU A 427 -17.43 11.08 1.39
CA LEU A 427 -18.34 10.65 0.33
C LEU A 427 -17.68 9.52 -0.44
N CYS A 428 -18.41 8.42 -0.63
CA CYS A 428 -17.87 7.23 -1.27
C CYS A 428 -18.88 6.62 -2.22
N ALA A 429 -18.51 6.52 -3.50
CA ALA A 429 -19.25 5.79 -4.51
C ALA A 429 -18.76 4.35 -4.54
N THR A 430 -19.68 3.40 -4.52
CA THR A 430 -19.32 1.99 -4.48
C THR A 430 -20.42 1.17 -5.14
N LYS A 431 -20.31 -0.16 -4.99
CA LYS A 431 -21.17 -1.12 -5.66
C LYS A 431 -21.16 -0.88 -7.16
N PHE A 432 -20.10 -1.32 -7.83
CA PHE A 432 -19.82 -0.99 -9.22
C PHE A 432 -20.37 -2.07 -10.13
N SER A 433 -21.17 -1.65 -11.12
CA SER A 433 -21.68 -2.53 -12.15
C SER A 433 -21.12 -2.12 -13.51
N ALA A 434 -20.92 -3.11 -14.39
CA ALA A 434 -20.37 -2.86 -15.71
C ALA A 434 -21.37 -2.11 -16.59
#